data_5JLW
#
_entry.id   5JLW
#
_cell.length_a   61.266
_cell.length_b   75.888
_cell.length_c   93.696
_cell.angle_alpha   90.00
_cell.angle_beta   90.00
_cell.angle_gamma   90.00
#
_symmetry.space_group_name_H-M   'P 2 2 21'
#
loop_
_entity.id
_entity.type
_entity.pdbx_description
1 polymer 'Homeotic protein antennapedia'
2 polymer "DNA (5'-D(*AP*GP*AP*AP*AP*GP*CP*(C7R)P*AP*TP*TP*AP*GP*AP*G)-3')"
3 polymer "DNA (5'-D(*TP*CP*TP*CP*TP*AP*AP*TP*GP*GP*CP*TP*TP*TP*C)-3')"
4 non-polymer 'NICKEL (II) ION'
5 non-polymer (4S)-2-METHYL-2,4-PENTANEDIOL
6 water water
#
loop_
_entity_poly.entity_id
_entity_poly.type
_entity_poly.pdbx_seq_one_letter_code
_entity_poly.pdbx_strand_id
1 'polypeptide(L)' MRKRGRQTYTRYQTLELEKEFHFNRYLTRRRRIEIAHALSLTERQIKIWFQNRRMKWKKEN A,D
2 'polydeoxyribonucleotide' (DA)(DG)(DA)(DA)(DA)(DG)(DC)(C7R)(DA)(DT)(DT)(DA)(DG)(DA)(DG) B,E
3 'polydeoxyribonucleotide' (DT)(DC)(DT)(DC)(DT)(DA)(DA)(DT)(DG)(DG)(DC)(DT)(DT)(DT)(DC) C,F
#
loop_
_chem_comp.id
_chem_comp.type
_chem_comp.name
_chem_comp.formula
C7R DNA linking 2'-deoxy-5'-O-thiophosphonocytidine 'C9 H14 N3 O6 P S'
DA DNA linking 2'-DEOXYADENOSINE-5'-MONOPHOSPHATE 'C10 H14 N5 O6 P'
DC DNA linking 2'-DEOXYCYTIDINE-5'-MONOPHOSPHATE 'C9 H14 N3 O7 P'
DG DNA linking 2'-DEOXYGUANOSINE-5'-MONOPHOSPHATE 'C10 H14 N5 O7 P'
DT DNA linking THYMIDINE-5'-MONOPHOSPHATE 'C10 H15 N2 O8 P'
MPD non-polymer (4S)-2-METHYL-2,4-PENTANEDIOL 'C6 H14 O2'
NI non-polymer 'NICKEL (II) ION' 'Ni 2'
#
# COMPACT_ATOMS: atom_id res chain seq x y z
N GLY A 5 25.98 -8.54 7.57
CA GLY A 5 25.00 -8.49 6.50
C GLY A 5 23.96 -7.39 6.68
N ARG A 6 23.78 -6.56 5.66
CA ARG A 6 22.84 -5.44 5.74
C ARG A 6 22.18 -5.25 4.38
N GLN A 7 20.86 -5.36 4.36
CA GLN A 7 20.08 -5.16 3.15
C GLN A 7 19.61 -3.71 3.08
N THR A 8 19.77 -3.10 1.92
CA THR A 8 19.21 -1.77 1.67
C THR A 8 17.80 -1.93 1.10
N TYR A 9 16.84 -1.25 1.69
CA TYR A 9 15.48 -1.35 1.21
C TYR A 9 15.31 -0.39 0.03
N THR A 10 14.53 -0.82 -0.95
CA THR A 10 14.29 -0.01 -2.14
C THR A 10 13.38 1.16 -1.78
N ARG A 11 13.37 2.13 -2.68
CA ARG A 11 12.38 3.22 -2.65
C ARG A 11 10.98 2.67 -2.41
N TYR A 12 10.62 1.66 -3.19
CA TYR A 12 9.27 1.11 -3.13
C TYR A 12 9.00 0.49 -1.76
N GLN A 13 9.95 -0.28 -1.21
CA GLN A 13 9.70 -0.92 0.08
C GLN A 13 9.54 0.13 1.17
N THR A 14 10.44 1.11 1.18
CA THR A 14 10.40 2.15 2.20
C THR A 14 9.12 2.97 2.10
N LEU A 15 8.71 3.31 0.88
CA LEU A 15 7.48 4.07 0.67
C LEU A 15 6.24 3.29 1.12
N GLU A 16 6.15 2.00 0.75
CA GLU A 16 5.01 1.20 1.18
C GLU A 16 4.93 1.11 2.71
N LEU A 17 6.09 0.97 3.38
CA LEU A 17 6.12 0.89 4.84
C LEU A 17 5.77 2.24 5.46
N GLU A 18 6.31 3.33 4.90
CA GLU A 18 5.94 4.66 5.40
C GLU A 18 4.45 4.92 5.25
N LYS A 19 3.86 4.50 4.14
CA LYS A 19 2.43 4.68 3.94
C LYS A 19 1.62 3.89 4.95
N GLU A 20 2.05 2.67 5.24
CA GLU A 20 1.44 1.89 6.31
C GLU A 20 1.56 2.59 7.66
N PHE A 21 2.76 3.12 7.96
CA PHE A 21 3.00 3.76 9.25
C PHE A 21 2.11 4.98 9.44
N HIS A 22 1.74 5.63 8.33
CA HIS A 22 0.85 6.79 8.35
C HIS A 22 -0.49 6.46 9.00
N PHE A 23 -1.00 5.25 8.79
CA PHE A 23 -2.29 4.87 9.36
C PHE A 23 -2.17 4.21 10.73
N ASN A 24 -1.13 3.40 10.92
CA ASN A 24 -0.93 2.62 12.14
C ASN A 24 0.55 2.60 12.48
N ARG A 25 0.88 3.11 13.67
CA ARG A 25 2.25 3.04 14.15
C ARG A 25 2.61 1.65 14.70
N TYR A 26 1.62 0.80 14.92
CA TYR A 26 1.82 -0.58 15.35
C TYR A 26 1.10 -1.51 14.39
N LEU A 27 1.63 -2.72 14.24
CA LEU A 27 1.05 -3.69 13.32
C LEU A 27 0.44 -4.86 14.08
N THR A 28 -0.72 -5.32 13.59
CA THR A 28 -1.21 -6.62 14.00
C THR A 28 -0.35 -7.71 13.36
N ARG A 29 -0.36 -8.89 13.97
CA ARG A 29 0.40 -10.00 13.39
C ARG A 29 -0.10 -10.34 11.99
N ARG A 30 -1.43 -10.37 11.80
CA ARG A 30 -1.97 -10.70 10.49
C ARG A 30 -1.48 -9.71 9.45
N ARG A 31 -1.45 -8.42 9.77
CA ARG A 31 -1.01 -7.40 8.80
C ARG A 31 0.49 -7.49 8.56
N ARG A 32 1.27 -7.74 9.61
CA ARG A 32 2.71 -7.94 9.44
C ARG A 32 2.99 -9.07 8.46
N ILE A 33 2.22 -10.16 8.53
CA ILE A 33 2.44 -11.26 7.60
C ILE A 33 2.17 -10.83 6.17
N GLU A 34 1.11 -10.04 5.95
CA GLU A 34 0.79 -9.59 4.60
C GLU A 34 1.88 -8.69 4.05
N ILE A 35 2.32 -7.71 4.84
CA ILE A 35 3.34 -6.77 4.37
C ILE A 35 4.64 -7.50 4.06
N ALA A 36 5.07 -8.40 4.95
CA ALA A 36 6.29 -9.18 4.66
C ALA A 36 6.18 -9.86 3.30
N HIS A 37 5.06 -10.53 3.04
CA HIS A 37 4.93 -11.24 1.77
C HIS A 37 4.88 -10.26 0.60
N ALA A 38 4.16 -9.15 0.73
CA ALA A 38 4.01 -8.22 -0.39
C ALA A 38 5.34 -7.58 -0.75
N LEU A 39 6.21 -7.33 0.24
CA LEU A 39 7.47 -6.63 0.02
C LEU A 39 8.67 -7.57 -0.09
N SER A 40 8.49 -8.89 0.10
CA SER A 40 9.60 -9.84 0.09
C SER A 40 10.59 -9.57 1.23
N LEU A 41 10.06 -9.30 2.42
CA LEU A 41 10.86 -9.15 3.62
C LEU A 41 10.40 -10.18 4.64
N THR A 42 11.23 -10.47 5.62
CA THR A 42 10.78 -11.35 6.68
C THR A 42 9.90 -10.58 7.66
N GLU A 43 9.07 -11.31 8.39
CA GLU A 43 8.28 -10.70 9.45
C GLU A 43 9.18 -9.97 10.43
N ARG A 44 10.35 -10.54 10.73
CA ARG A 44 11.25 -9.93 11.70
C ARG A 44 11.79 -8.59 11.20
N GLN A 45 12.11 -8.51 9.90
CA GLN A 45 12.53 -7.23 9.34
C GLN A 45 11.41 -6.20 9.42
N ILE A 46 10.18 -6.60 9.10
CA ILE A 46 9.04 -5.69 9.21
C ILE A 46 8.87 -5.24 10.65
N LYS A 47 8.98 -6.17 11.58
CA LYS A 47 8.91 -5.84 12.99
C LYS A 47 10.00 -4.84 13.38
N ILE A 48 11.23 -5.05 12.92
CA ILE A 48 12.31 -4.13 13.27
C ILE A 48 12.15 -2.77 12.56
N TRP A 49 11.65 -2.75 11.33
CA TRP A 49 11.45 -1.48 10.65
C TRP A 49 10.48 -0.59 11.44
N PHE A 50 9.36 -1.17 11.88
CA PHE A 50 8.38 -0.41 12.66
C PHE A 50 8.96 0.03 14.01
N GLN A 51 9.76 -0.80 14.65
CA GLN A 51 10.40 -0.38 15.90
C GLN A 51 11.33 0.81 15.66
N ASN A 52 12.23 0.69 14.69
CA ASN A 52 13.09 1.82 14.35
C ASN A 52 12.26 3.04 13.96
N ARG A 53 11.15 2.83 13.24
CA ARG A 53 10.39 3.97 12.77
C ARG A 53 9.69 4.69 13.92
N ARG A 54 9.18 3.92 14.88
CA ARG A 54 8.57 4.49 16.07
C ARG A 54 9.57 5.25 16.90
N MET A 55 10.79 4.71 17.06
CA MET A 55 11.83 5.42 17.78
C MET A 55 12.18 6.73 17.09
N LYS A 56 12.18 6.74 15.75
CA LYS A 56 12.37 8.00 15.02
C LYS A 56 11.14 8.89 15.14
N TRP A 57 9.96 8.31 15.24
CA TRP A 57 8.78 9.12 15.43
C TRP A 57 8.81 9.83 16.78
N LYS A 58 9.32 9.15 17.82
CA LYS A 58 9.38 9.76 19.14
C LYS A 58 10.30 10.97 19.14
N LYS A 59 11.45 10.89 18.47
CA LYS A 59 12.42 11.97 18.40
C LYS A 59 11.96 13.14 17.53
N GLU A 60 10.73 13.11 17.00
CA GLU A 60 10.26 14.19 16.14
C GLU A 60 8.81 14.57 16.46
N ASN A 61 8.34 14.25 17.66
CA ASN A 61 6.93 14.38 18.05
C ASN A 61 5.97 13.79 17.00
P C7R B 8 11.27 3.97 25.25
C5' C7R B 8 13.53 2.79 25.07
O5' C7R B 8 12.84 3.90 25.52
C4' C7R B 8 14.92 2.76 25.61
O4' C7R B 8 15.49 1.47 25.27
C3' C7R B 8 15.84 3.81 25.02
O3' C7R B 8 16.82 4.27 25.96
C2' C7R B 8 16.48 3.09 23.83
C1' C7R B 8 16.42 1.61 24.22
N1 C7R B 8 16.02 0.70 23.09
C2 C7R B 8 16.68 -0.52 22.96
O2 C7R B 8 17.54 -0.85 23.79
N3 C7R B 8 16.35 -1.33 21.92
C4 C7R B 8 15.42 -0.96 21.05
N4 C7R B 8 15.14 -1.82 20.07
C5 C7R B 8 14.74 0.29 21.16
C6 C7R B 8 15.08 1.08 22.18
OP1 C7R B 8 10.65 4.59 26.49
SP2 C7R B 8 11.04 4.65 23.43
H5'2 C7R B 8 13.06 1.99 25.34
H5'1 C7R B 8 13.56 2.82 24.10
H4' C7R B 8 14.89 2.86 26.57
H3' C7R B 8 15.32 4.56 24.70
H2'1 C7R B 8 17.40 3.38 23.72
H2'2 C7R B 8 15.96 3.26 23.02
H1' C7R B 8 17.29 1.35 24.54
H42 C7R B 8 15.56 -2.57 20.01
H41 C7R B 8 14.54 -1.61 19.48
H5 C7R B 8 14.09 0.54 20.54
H6 C7R B 8 14.66 1.91 22.28
N GLY D 5 -19.22 -10.64 -16.94
CA GLY D 5 -18.57 -11.08 -15.72
C GLY D 5 -18.28 -9.96 -14.74
N ARG D 6 -18.19 -10.30 -13.45
CA ARG D 6 -17.89 -9.31 -12.42
C ARG D 6 -17.02 -9.99 -11.37
N GLN D 7 -15.78 -9.54 -11.27
CA GLN D 7 -14.89 -10.00 -10.21
C GLN D 7 -15.23 -9.24 -8.94
N THR D 8 -15.47 -9.96 -7.85
CA THR D 8 -15.52 -9.29 -6.55
C THR D 8 -14.09 -9.23 -6.01
N TYR D 9 -13.67 -8.03 -5.61
CA TYR D 9 -12.31 -7.86 -5.13
C TYR D 9 -12.22 -8.30 -3.68
N THR D 10 -11.08 -8.89 -3.32
CA THR D 10 -10.87 -9.38 -1.96
C THR D 10 -10.72 -8.21 -1.00
N ARG D 11 -10.87 -8.54 0.28
CA ARG D 11 -10.66 -7.59 1.36
C ARG D 11 -9.30 -6.91 1.21
N TYR D 12 -8.27 -7.70 0.95
CA TYR D 12 -6.91 -7.19 0.83
C TYR D 12 -6.77 -6.26 -0.37
N GLN D 13 -7.34 -6.63 -1.52
CA GLN D 13 -7.21 -5.78 -2.69
C GLN D 13 -7.84 -4.42 -2.44
N THR D 14 -9.06 -4.41 -1.92
CA THR D 14 -9.75 -3.14 -1.66
C THR D 14 -9.02 -2.32 -0.62
N LEU D 15 -8.45 -2.99 0.38
CA LEU D 15 -7.69 -2.29 1.42
C LEU D 15 -6.47 -1.61 0.82
N GLU D 16 -5.73 -2.33 -0.02
CA GLU D 16 -4.54 -1.74 -0.65
C GLU D 16 -4.92 -0.61 -1.60
N LEU D 17 -6.00 -0.77 -2.37
CA LEU D 17 -6.46 0.32 -3.23
C LEU D 17 -6.84 1.55 -2.42
N GLU D 18 -7.54 1.37 -1.31
CA GLU D 18 -7.94 2.50 -0.48
C GLU D 18 -6.73 3.16 0.18
N LYS D 19 -5.73 2.37 0.58
CA LYS D 19 -4.50 2.91 1.14
C LYS D 19 -3.83 3.85 0.13
N GLU D 20 -3.72 3.41 -1.12
CA GLU D 20 -3.07 4.22 -2.14
C GLU D 20 -3.90 5.47 -2.46
N PHE D 21 -5.23 5.29 -2.59
CA PHE D 21 -6.08 6.43 -2.87
C PHE D 21 -5.91 7.53 -1.83
N HIS D 22 -5.52 7.15 -0.62
CA HIS D 22 -5.33 8.11 0.47
C HIS D 22 -4.20 9.10 0.18
N PHE D 23 -3.15 8.64 -0.51
CA PHE D 23 -2.01 9.46 -0.86
C PHE D 23 -2.07 10.03 -2.27
N ASN D 24 -2.70 9.33 -3.21
CA ASN D 24 -2.74 9.74 -4.62
C ASN D 24 -4.15 9.46 -5.14
N ARG D 25 -4.92 10.50 -5.40
CA ARG D 25 -6.22 10.28 -6.05
C ARG D 25 -6.09 9.98 -7.54
N TYR D 26 -4.93 10.29 -8.14
CA TYR D 26 -4.60 9.95 -9.52
C TYR D 26 -3.28 9.19 -9.53
N LEU D 27 -3.13 8.24 -10.46
CA LEU D 27 -1.91 7.44 -10.57
C LEU D 27 -1.17 7.77 -11.86
N THR D 28 0.14 7.97 -11.75
CA THR D 28 0.99 7.84 -12.93
C THR D 28 0.87 6.43 -13.49
N ARG D 29 1.26 6.27 -14.75
CA ARG D 29 1.20 4.93 -15.34
C ARG D 29 2.18 3.98 -14.68
N ARG D 30 3.34 4.50 -14.28
CA ARG D 30 4.33 3.68 -13.59
CA ARG D 30 4.31 3.64 -13.62
C ARG D 30 3.75 3.15 -12.28
N ARG D 31 3.10 4.02 -11.51
CA ARG D 31 2.45 3.57 -10.29
C ARG D 31 1.33 2.57 -10.57
N ARG D 32 0.60 2.77 -11.68
CA ARG D 32 -0.51 1.88 -11.98
C ARG D 32 0.00 0.46 -12.30
N ILE D 33 1.10 0.37 -13.05
CA ILE D 33 1.72 -0.92 -13.36
C ILE D 33 2.15 -1.64 -12.10
N GLU D 34 2.77 -0.93 -11.15
CA GLU D 34 3.20 -1.54 -9.89
C GLU D 34 2.01 -2.11 -9.12
N ILE D 35 0.94 -1.32 -9.02
CA ILE D 35 -0.22 -1.72 -8.23
C ILE D 35 -0.92 -2.90 -8.89
N ALA D 36 -1.08 -2.83 -10.21
CA ALA D 36 -1.69 -3.94 -10.94
C ALA D 36 -0.96 -5.25 -10.64
N HIS D 37 0.38 -5.22 -10.73
N HIS D 37 0.38 -5.22 -10.72
CA HIS D 37 1.16 -6.41 -10.43
CA HIS D 37 1.16 -6.42 -10.45
C HIS D 37 1.00 -6.82 -8.98
C HIS D 37 1.07 -6.83 -8.98
N ALA D 38 1.12 -5.87 -8.05
CA ALA D 38 1.09 -6.22 -6.63
C ALA D 38 -0.24 -6.87 -6.25
N LEU D 39 -1.33 -6.48 -6.91
CA LEU D 39 -2.65 -6.95 -6.53
C LEU D 39 -3.23 -7.97 -7.50
N SER D 40 -2.47 -8.37 -8.52
CA SER D 40 -2.95 -9.32 -9.55
C SER D 40 -4.25 -8.84 -10.19
N LEU D 41 -4.31 -7.55 -10.51
CA LEU D 41 -5.38 -6.94 -11.27
C LEU D 41 -4.78 -6.38 -12.56
N THR D 42 -5.61 -6.18 -13.59
CA THR D 42 -5.09 -5.55 -14.81
C THR D 42 -4.96 -4.04 -14.61
N GLU D 43 -4.11 -3.42 -15.44
CA GLU D 43 -4.02 -1.96 -15.43
C GLU D 43 -5.40 -1.33 -15.63
N ARG D 44 -6.20 -1.90 -16.54
CA ARG D 44 -7.50 -1.31 -16.83
C ARG D 44 -8.38 -1.31 -15.60
N GLN D 45 -8.39 -2.43 -14.85
CA GLN D 45 -9.18 -2.52 -13.64
C GLN D 45 -8.73 -1.49 -12.61
N ILE D 46 -7.42 -1.24 -12.52
CA ILE D 46 -6.91 -0.21 -11.61
C ILE D 46 -7.38 1.15 -12.09
N LYS D 47 -7.24 1.42 -13.38
CA LYS D 47 -7.72 2.69 -13.92
CA LYS D 47 -7.73 2.69 -13.93
C LYS D 47 -9.19 2.87 -13.56
N ILE D 48 -10.00 1.84 -13.80
CA ILE D 48 -11.41 1.96 -13.53
C ILE D 48 -11.68 2.10 -12.04
N TRP D 49 -11.00 1.31 -11.20
CA TRP D 49 -11.25 1.44 -9.76
C TRP D 49 -11.02 2.88 -9.29
N PHE D 50 -9.94 3.49 -9.76
CA PHE D 50 -9.65 4.86 -9.33
C PHE D 50 -10.66 5.85 -9.91
N GLN D 51 -11.16 5.62 -11.14
CA GLN D 51 -12.22 6.44 -11.72
CA GLN D 51 -12.18 6.51 -11.65
C GLN D 51 -13.47 6.42 -10.84
N ASN D 52 -13.95 5.21 -10.55
CA ASN D 52 -15.13 5.11 -9.69
C ASN D 52 -14.88 5.74 -8.33
N ARG D 53 -13.68 5.52 -7.78
CA ARG D 53 -13.40 5.99 -6.42
C ARG D 53 -13.37 7.51 -6.36
N ARG D 54 -12.88 8.17 -7.42
CA ARG D 54 -12.96 9.62 -7.46
C ARG D 54 -14.40 10.10 -7.59
N MET D 55 -15.21 9.42 -8.40
CA MET D 55 -16.64 9.74 -8.46
C MET D 55 -17.27 9.62 -7.08
N LYS D 56 -16.97 8.54 -6.36
CA LYS D 56 -17.47 8.40 -4.99
C LYS D 56 -16.94 9.52 -4.11
N TRP D 57 -15.67 9.89 -4.25
CA TRP D 57 -15.12 10.92 -3.40
C TRP D 57 -15.79 12.27 -3.64
N LYS D 58 -16.11 12.59 -4.90
CA LYS D 58 -16.86 13.81 -5.18
C LYS D 58 -18.24 13.77 -4.49
N LYS D 59 -19.00 12.69 -4.68
CA LYS D 59 -20.34 12.60 -4.08
C LYS D 59 -20.30 12.78 -2.57
N GLU D 60 -19.35 12.15 -1.90
CA GLU D 60 -19.22 12.31 -0.46
C GLU D 60 -18.56 13.64 -0.10
N ASN D 61 -18.11 14.41 -1.08
CA ASN D 61 -17.33 15.63 -0.89
C ASN D 61 -15.95 15.34 -0.26
P C7R E 8 -17.55 15.23 -13.74
C5' C7R E 8 -19.30 14.76 -15.56
O5' C7R E 8 -18.72 14.35 -14.36
C4' C7R E 8 -20.20 13.69 -16.11
O4' C7R E 8 -19.40 12.55 -16.48
C3' C7R E 8 -21.25 13.17 -15.13
O3' C7R E 8 -22.55 13.54 -15.59
C2' C7R E 8 -21.01 11.65 -15.10
C1' C7R E 8 -20.18 11.41 -16.35
N1 C7R E 8 -19.26 10.22 -16.32
C2 C7R E 8 -19.29 9.31 -17.37
O2 C7R E 8 -20.12 9.46 -18.28
N3 C7R E 8 -18.44 8.27 -17.37
C4 C7R E 8 -17.57 8.12 -16.38
N4 C7R E 8 -16.76 7.05 -16.44
C5 C7R E 8 -17.49 9.04 -15.30
C6 C7R E 8 -18.33 10.08 -15.31
OP1 C7R E 8 -17.97 16.66 -13.94
SP2 C7R E 8 -17.13 14.41 -12.01
H5'2 C7R E 8 -18.60 14.95 -16.20
H5'1 C7R E 8 -19.82 15.57 -15.40
H4' C7R E 8 -20.64 14.03 -16.89
H3' C7R E 8 -21.09 13.54 -14.25
H2'1 C7R E 8 -21.86 11.17 -15.16
H2'2 C7R E 8 -20.52 11.38 -14.31
H1' C7R E 8 -20.77 11.33 -17.12
H42 C7R E 8 -16.82 6.50 -17.09
H41 C7R E 8 -16.18 6.92 -15.82
H5 C7R E 8 -16.87 8.93 -14.61
H6 C7R E 8 -18.31 10.70 -14.63
NI NI G . -3.96 10.63 6.40
NI NI H . 7.11 -14.08 33.29
NI NI I . 30.83 2.26 10.65
NI NI J . 2.89 -10.35 23.12
NI NI K . -7.32 14.05 -32.46
NI NI L . -30.00 -5.09 -10.89
C1 MPD M . -19.77 24.31 -24.16
C2 MPD M . -18.24 24.30 -24.27
O2 MPD M . -17.83 22.92 -24.44
CM MPD M . -17.76 25.06 -25.52
C3 MPD M . -17.60 24.91 -23.02
C4 MPD M . -17.57 23.98 -21.82
O4 MPD M . -16.85 22.80 -22.14
C5 MPD M . -16.89 24.66 -20.64
H11 MPD M . -20.05 24.75 -23.20
H12 MPD M . -20.14 23.29 -24.21
H13 MPD M . -20.19 24.90 -24.97
HO2 MPD M . -17.24 22.66 -23.70
HM1 MPD M . -17.07 25.86 -25.22
HM2 MPD M . -18.61 25.50 -26.03
HM3 MPD M . -17.24 24.37 -26.18
H31 MPD M . -16.58 25.22 -23.26
H32 MPD M . -18.15 25.82 -22.75
H4 MPD M . -18.59 23.73 -21.53
HO4 MPD M . -17.40 22.02 -21.92
H51 MPD M . -16.02 24.08 -20.33
H52 MPD M . -16.57 25.66 -20.92
H53 MPD M . -17.59 24.73 -19.80
C1 MPD N . -15.88 21.55 -19.56
C2 MPD N . -15.61 21.80 -18.07
O2 MPD N . -14.45 22.67 -18.03
CM MPD N . -16.74 22.62 -17.41
C3 MPD N . -15.37 20.46 -17.34
C4 MPD N . -14.21 20.43 -16.37
O4 MPD N . -14.49 19.46 -15.38
C5 MPD N . -12.89 20.09 -17.07
H11 MPD N . -15.85 20.48 -19.75
H12 MPD N . -16.87 21.93 -19.81
H13 MPD N . -15.13 22.06 -20.16
HO2 MPD N . -13.73 22.23 -17.54
HM1 MPD N . -17.13 22.07 -16.56
HM2 MPD N . -17.53 22.79 -18.14
HM3 MPD N . -16.34 23.58 -17.08
H31 MPD N . -16.28 20.21 -16.79
H32 MPD N . -15.23 19.69 -18.08
H4 MPD N . -14.11 21.41 -15.90
HO4 MPD N . -14.42 19.87 -14.49
H51 MPD N . -12.48 19.18 -16.65
H52 MPD N . -12.18 20.90 -16.93
H53 MPD N . -13.08 19.94 -18.14
C1 MPD O . -8.19 19.30 -16.65
C2 MPD O . -8.82 18.47 -15.52
O2 MPD O . -8.10 18.76 -14.29
CM MPD O . -10.26 18.89 -15.28
C3 MPD O . -8.71 16.97 -15.82
C4 MPD O . -7.28 16.43 -15.65
O4 MPD O . -7.18 15.78 -14.39
C5 MPD O . -6.84 15.44 -16.71
H11 MPD O . -7.81 18.64 -17.42
H12 MPD O . -8.95 19.96 -17.07
H13 MPD O . -7.38 19.90 -16.25
HO2 MPD O . -7.72 17.94 -13.93
HM1 MPD O . -10.92 18.02 -15.38
HM2 MPD O . -10.37 19.30 -14.28
HM3 MPD O . -10.56 19.64 -16.01
H31 MPD O . -9.03 16.80 -16.85
H32 MPD O . -9.39 16.42 -15.17
H4 MPD O . -6.60 17.28 -15.66
HO4 MPD O . -6.26 15.84 -14.06
H51 MPD O . -6.58 14.49 -16.23
H52 MPD O . -5.98 15.83 -17.24
H53 MPD O . -7.66 15.26 -17.41
#